data_4KY9
#
_entry.id   4KY9
#
_cell.length_a   69.905
_cell.length_b   80.700
_cell.length_c   104.278
_cell.angle_alpha   90.000
_cell.angle_beta   90.000
_cell.angle_gamma   90.000
#
_symmetry.space_group_name_H-M   'P 21 21 21'
#
loop_
_entity.id
_entity.type
_entity.pdbx_description
1 polymer 'Band 3 anion transport protein'
2 water water
#
_entity_poly.entity_id   1
_entity_poly.type   'polypeptide(L)'
_entity_poly.pdbx_seq_one_letter_code
;HPGTHKVYVELQELVMDEKNQELRWMEAARWVQLEENLGENGAWGRPHLSHLTFWSLLELRRVFTKGTVLLDLQETSLAG
VANQLLDRFIFEDQIRPQDREELLRALLLKHSHAGELEALGGVKPAVLTRSGDPSQPLLPQHSSLETQLFCEQGDGGTEG
HSPSGILEKIPPDSEATLVLVGRADFLEQPVLGFVRLQEAAELEAVELPVPIRFLFVLLGPEAPHIDYTQLGRAAATLMS
ERVFRIDAYMAQSRGELLHSLEGFLDCSLVLPPTDAPSEQALLSLVPVQRELLRRRYQSSPAKPDS
;
_entity_poly.pdbx_strand_id   A,P
#
# COMPACT_ATOMS: atom_id res chain seq x y z
N VAL A 7 -8.18 17.25 16.54
CA VAL A 7 -7.94 18.50 15.84
C VAL A 7 -8.81 18.63 14.61
N TYR A 8 -8.73 19.78 13.94
CA TYR A 8 -9.56 20.00 12.78
C TYR A 8 -8.71 19.96 11.52
N VAL A 9 -9.11 19.13 10.56
CA VAL A 9 -8.45 19.07 9.28
C VAL A 9 -9.47 19.35 8.20
N GLU A 10 -9.12 20.24 7.28
CA GLU A 10 -10.01 20.56 6.18
C GLU A 10 -9.31 20.35 4.85
N LEU A 11 -9.98 19.64 3.96
CA LEU A 11 -9.47 19.40 2.61
C LEU A 11 -10.19 20.28 1.62
N GLN A 12 -9.42 21.04 0.84
CA GLN A 12 -9.97 21.92 -0.18
C GLN A 12 -9.38 21.60 -1.55
N GLU A 13 -10.23 21.68 -2.57
CA GLU A 13 -9.82 21.37 -3.93
C GLU A 13 -9.94 22.59 -4.82
N LEU A 14 -9.06 22.67 -5.81
CA LEU A 14 -9.09 23.75 -6.77
C LEU A 14 -10.16 23.46 -7.83
N VAL A 15 -11.19 24.30 -7.89
CA VAL A 15 -12.31 24.04 -8.80
C VAL A 15 -12.77 25.29 -9.54
N MET A 16 -13.66 25.10 -10.51
CA MET A 16 -14.35 26.21 -11.15
C MET A 16 -15.87 26.07 -11.00
N ASP A 17 -16.50 27.16 -10.57
CA ASP A 17 -17.95 27.21 -10.44
C ASP A 17 -18.62 27.46 -11.78
N GLU A 18 -19.94 27.27 -11.84
CA GLU A 18 -20.66 27.39 -13.10
C GLU A 18 -21.35 28.75 -13.29
N LYS A 19 -21.48 29.52 -12.21
CA LYS A 19 -22.14 30.82 -12.30
C LYS A 19 -21.19 31.96 -12.72
N ASN A 20 -20.02 32.05 -12.09
CA ASN A 20 -19.11 33.15 -12.35
C ASN A 20 -17.91 32.66 -13.15
N GLN A 21 -17.74 31.35 -13.18
CA GLN A 21 -16.67 30.65 -13.88
C GLN A 21 -15.27 30.98 -13.37
N GLU A 22 -15.16 31.46 -12.13
CA GLU A 22 -13.85 31.68 -11.55
C GLU A 22 -13.30 30.41 -10.91
N LEU A 23 -11.99 30.27 -10.98
CA LEU A 23 -11.31 29.23 -10.22
C LEU A 23 -11.34 29.61 -8.74
N ARG A 24 -11.62 28.64 -7.88
CA ARG A 24 -11.63 28.86 -6.45
C ARG A 24 -11.31 27.60 -5.67
N TRP A 25 -10.98 27.77 -4.40
CA TRP A 25 -10.79 26.65 -3.50
C TRP A 25 -12.12 26.31 -2.84
N MET A 26 -12.51 25.05 -2.97
CA MET A 26 -13.76 24.61 -2.38
C MET A 26 -13.53 23.46 -1.41
N GLU A 27 -14.05 23.63 -0.20
CA GLU A 27 -14.08 22.58 0.80
C GLU A 27 -14.66 21.29 0.22
N ALA A 28 -14.04 20.17 0.53
CA ALA A 28 -14.48 18.89 -0.02
C ALA A 28 -14.69 17.87 1.09
N ALA A 29 -13.92 18.01 2.16
CA ALA A 29 -13.99 17.07 3.27
C ALA A 29 -13.36 17.67 4.51
N ARG A 30 -13.73 17.15 5.68
CA ARG A 30 -13.18 17.64 6.93
C ARG A 30 -13.07 16.53 7.95
N TRP A 31 -12.15 16.71 8.90
CA TRP A 31 -11.87 15.69 9.89
C TRP A 31 -11.94 16.29 11.27
N VAL A 32 -12.79 15.69 12.10
CA VAL A 32 -12.81 15.88 13.54
C VAL A 32 -12.78 14.47 14.10
N GLN A 33 -11.60 13.86 14.06
CA GLN A 33 -11.36 12.48 14.48
C GLN A 33 -11.98 11.54 13.44
N LEU A 34 -13.16 11.89 12.93
CA LEU A 34 -13.80 11.14 11.86
C LEU A 34 -13.89 12.02 10.61
N GLU A 35 -14.26 11.41 9.48
CA GLU A 35 -14.32 12.14 8.21
C GLU A 35 -15.73 12.45 7.75
N GLU A 36 -15.95 13.68 7.30
CA GLU A 36 -17.20 14.03 6.63
C GLU A 36 -16.88 14.56 5.25
N ASN A 37 -17.70 14.21 4.28
CA ASN A 37 -17.49 14.63 2.91
C ASN A 37 -18.61 15.55 2.47
N LEU A 38 -18.28 16.58 1.70
CA LEU A 38 -19.29 17.55 1.31
C LEU A 38 -20.07 17.07 0.10
N GLY A 39 -21.38 16.92 0.29
CA GLY A 39 -22.26 16.41 -0.76
C GLY A 39 -22.41 17.38 -1.91
N GLU A 40 -22.99 16.91 -3.01
CA GLU A 40 -23.00 17.65 -4.27
C GLU A 40 -23.47 19.08 -4.06
N ASN A 41 -24.61 19.25 -3.40
CA ASN A 41 -25.03 20.56 -2.93
C ASN A 41 -26.09 20.48 -1.83
N GLY A 42 -25.79 21.05 -0.67
CA GLY A 42 -24.43 21.41 -0.27
C GLY A 42 -24.31 20.97 1.17
N ALA A 43 -24.71 19.72 1.43
CA ALA A 43 -24.75 19.18 2.78
C ALA A 43 -23.66 18.14 3.05
N TRP A 44 -23.21 18.11 4.29
CA TRP A 44 -22.23 17.15 4.75
C TRP A 44 -22.82 15.75 4.84
N GLY A 45 -22.11 14.77 4.28
CA GLY A 45 -22.52 13.37 4.39
C GLY A 45 -22.27 12.86 5.79
N ARG A 46 -22.53 11.58 6.02
CA ARG A 46 -22.40 11.07 7.38
C ARG A 46 -20.94 10.81 7.73
N PRO A 47 -20.59 11.03 9.01
CA PRO A 47 -19.24 10.78 9.50
C PRO A 47 -18.85 9.33 9.31
N HIS A 48 -17.58 9.06 9.00
CA HIS A 48 -17.13 7.70 8.81
C HIS A 48 -15.64 7.58 9.03
N LEU A 49 -15.20 6.36 9.33
CA LEU A 49 -13.79 6.04 9.47
C LEU A 49 -13.09 6.21 8.12
N SER A 50 -11.89 6.75 8.13
CA SER A 50 -11.17 7.01 6.90
C SER A 50 -10.46 5.79 6.36
N HIS A 51 -10.97 5.24 5.27
CA HIS A 51 -10.28 4.20 4.53
C HIS A 51 -9.53 4.87 3.38
N LEU A 52 -8.42 4.29 2.95
CA LEU A 52 -7.61 4.91 1.92
C LEU A 52 -7.35 3.94 0.78
N THR A 53 -7.15 4.47 -0.43
CA THR A 53 -6.73 3.64 -1.56
C THR A 53 -5.25 3.36 -1.44
N PHE A 54 -4.82 2.20 -1.94
CA PHE A 54 -3.42 1.84 -1.90
C PHE A 54 -2.57 2.85 -2.67
N TRP A 55 -3.05 3.23 -3.85
CA TRP A 55 -2.32 4.18 -4.69
C TRP A 55 -2.12 5.55 -4.03
N SER A 56 -3.09 6.01 -3.25
CA SER A 56 -2.95 7.33 -2.64
C SER A 56 -1.83 7.34 -1.60
N LEU A 57 -1.63 6.22 -0.91
CA LEU A 57 -0.54 6.13 0.07
C LEU A 57 0.81 5.90 -0.60
N LEU A 58 0.82 5.14 -1.68
CA LEU A 58 2.02 4.92 -2.44
C LEU A 58 2.52 6.22 -2.99
N GLU A 59 1.62 7.01 -3.51
CA GLU A 59 1.99 8.31 -4.06
C GLU A 59 2.30 9.34 -2.97
N LEU A 60 1.57 9.29 -1.86
CA LEU A 60 1.85 10.21 -0.75
C LEU A 60 3.26 9.99 -0.22
N ARG A 61 3.65 8.75 -0.04
CA ARG A 61 4.98 8.46 0.42
C ARG A 61 6.00 8.95 -0.56
N ARG A 62 5.76 8.74 -1.83
CA ARG A 62 6.71 9.18 -2.85
C ARG A 62 6.91 10.69 -2.80
N VAL A 63 5.83 11.47 -2.78
CA VAL A 63 6.01 12.93 -2.79
C VAL A 63 6.49 13.47 -1.45
N PHE A 64 6.15 12.79 -0.36
CA PHE A 64 6.63 13.20 0.96
C PHE A 64 8.15 12.95 1.09
N THR A 65 8.64 11.88 0.47
CA THR A 65 10.07 11.53 0.56
C THR A 65 10.95 12.64 -0.01
N LYS A 66 10.50 13.27 -1.08
CA LYS A 66 11.20 14.43 -1.61
C LYS A 66 10.40 15.70 -1.39
N GLY A 67 9.62 15.73 -0.30
CA GLY A 67 8.77 16.86 -0.02
C GLY A 67 9.53 18.13 0.37
N THR A 68 8.86 19.26 0.12
CA THR A 68 9.38 20.56 0.51
C THR A 68 8.75 20.96 1.83
N VAL A 69 9.59 21.09 2.85
CA VAL A 69 9.12 21.28 4.22
C VAL A 69 9.55 22.63 4.81
N LEU A 70 8.59 23.38 5.35
CA LEU A 70 8.88 24.66 6.01
C LEU A 70 8.40 24.65 7.46
N LEU A 71 9.32 24.40 8.38
CA LEU A 71 8.99 24.28 9.79
C LEU A 71 9.24 25.58 10.56
N ASP A 72 8.32 25.89 11.48
CA ASP A 72 8.35 27.13 12.25
C ASP A 72 8.50 28.33 11.32
N LEU A 73 7.64 28.35 10.30
CA LEU A 73 7.67 29.38 9.29
C LEU A 73 7.03 30.64 9.87
N GLN A 74 7.79 31.74 9.90
CA GLN A 74 7.25 32.98 10.46
C GLN A 74 6.42 33.71 9.42
N GLU A 75 5.22 33.19 9.20
CA GLU A 75 4.21 33.89 8.41
C GLU A 75 2.88 33.72 9.13
N THR A 76 1.93 34.59 8.81
CA THR A 76 0.63 34.55 9.45
C THR A 76 -0.47 34.79 8.43
N SER A 77 -0.09 34.87 7.17
CA SER A 77 -1.05 35.04 6.10
C SER A 77 -0.88 33.92 5.09
N LEU A 78 -1.95 33.61 4.38
CA LEU A 78 -1.88 32.60 3.35
C LEU A 78 -0.95 33.07 2.25
N ALA A 79 -0.97 34.38 1.99
CA ALA A 79 -0.10 34.97 0.99
C ALA A 79 1.37 34.84 1.37
N GLY A 80 1.66 35.06 2.65
CA GLY A 80 3.01 34.91 3.15
C GLY A 80 3.54 33.48 3.03
N VAL A 81 2.71 32.52 3.39
CA VAL A 81 3.09 31.11 3.33
C VAL A 81 3.33 30.68 1.88
N ALA A 82 2.42 31.09 1.00
CA ALA A 82 2.50 30.67 -0.39
C ALA A 82 3.78 31.19 -1.06
N ASN A 83 4.17 32.42 -0.75
CA ASN A 83 5.39 33.00 -1.30
C ASN A 83 6.63 32.27 -0.81
N GLN A 84 6.68 31.97 0.48
CA GLN A 84 7.80 31.23 1.05
C GLN A 84 7.86 29.81 0.48
N LEU A 85 6.71 29.16 0.41
CA LEU A 85 6.62 27.79 -0.09
C LEU A 85 7.03 27.68 -1.55
N LEU A 86 6.56 28.60 -2.38
CA LEU A 86 6.88 28.52 -3.80
C LEU A 86 8.37 28.79 -4.03
N ASP A 87 8.93 29.70 -3.24
CA ASP A 87 10.36 29.99 -3.28
C ASP A 87 11.16 28.76 -2.88
N ARG A 88 10.70 28.08 -1.84
CA ARG A 88 11.38 26.86 -1.41
C ARG A 88 11.12 25.69 -2.38
N PHE A 89 9.95 25.68 -3.03
CA PHE A 89 9.68 24.71 -4.10
C PHE A 89 10.72 24.84 -5.21
N ILE A 90 10.98 26.09 -5.59
CA ILE A 90 11.95 26.40 -6.63
C ILE A 90 13.37 26.06 -6.16
N PHE A 91 13.68 26.39 -4.90
CA PHE A 91 15.00 26.11 -4.35
C PHE A 91 15.33 24.62 -4.41
N GLU A 92 14.32 23.76 -4.30
CA GLU A 92 14.55 22.32 -4.31
C GLU A 92 14.29 21.68 -5.67
N ASP A 93 14.14 22.50 -6.71
CA ASP A 93 13.88 22.04 -8.07
C ASP A 93 12.59 21.20 -8.18
N GLN A 94 11.62 21.50 -7.33
CA GLN A 94 10.34 20.83 -7.40
C GLN A 94 9.51 21.42 -8.54
N ILE A 95 9.50 22.74 -8.63
CA ILE A 95 8.88 23.46 -9.73
C ILE A 95 9.90 24.38 -10.38
N ARG A 96 9.61 24.82 -11.60
CA ARG A 96 10.48 25.76 -12.32
C ARG A 96 10.03 27.19 -12.04
N PRO A 97 10.99 28.14 -12.03
CA PRO A 97 10.70 29.55 -11.74
C PRO A 97 9.64 30.12 -12.66
N GLN A 98 9.51 29.55 -13.86
CA GLN A 98 8.50 29.97 -14.83
C GLN A 98 7.10 29.54 -14.39
N ASP A 99 7.03 28.54 -13.53
CA ASP A 99 5.76 28.03 -13.03
C ASP A 99 5.25 28.83 -11.84
N ARG A 100 6.13 29.66 -11.27
CA ARG A 100 5.86 30.28 -9.96
C ARG A 100 4.65 31.21 -9.97
N GLU A 101 4.46 31.97 -11.03
CA GLU A 101 3.47 33.05 -10.98
C GLU A 101 2.03 32.57 -11.10
N GLU A 102 1.77 31.56 -11.91
CA GLU A 102 0.41 31.09 -12.02
C GLU A 102 0.05 30.27 -10.78
N LEU A 103 1.04 29.61 -10.19
CA LEU A 103 0.81 28.85 -8.97
C LEU A 103 0.50 29.79 -7.81
N LEU A 104 1.20 30.91 -7.77
CA LEU A 104 0.93 31.92 -6.75
C LEU A 104 -0.47 32.50 -6.92
N ARG A 105 -0.83 32.76 -8.16
CA ARG A 105 -2.14 33.28 -8.49
C ARG A 105 -3.22 32.34 -7.96
N ALA A 106 -3.04 31.05 -8.20
CA ALA A 106 -4.03 30.04 -7.79
C ALA A 106 -4.13 29.88 -6.28
N LEU A 107 -2.99 29.90 -5.59
CA LEU A 107 -3.00 29.72 -4.14
C LEU A 107 -3.68 30.88 -3.41
N LEU A 108 -3.79 32.03 -4.08
CA LEU A 108 -4.41 33.20 -3.46
C LEU A 108 -5.82 33.48 -3.97
N LEU A 109 -6.37 32.57 -4.77
CA LEU A 109 -7.77 32.65 -5.18
C LEU A 109 -8.69 32.61 -3.96
N LYS A 110 -9.95 32.96 -4.15
CA LYS A 110 -10.90 32.97 -3.04
C LYS A 110 -11.02 31.57 -2.45
N HIS A 111 -11.23 31.51 -1.14
CA HIS A 111 -11.46 30.22 -0.50
C HIS A 111 -12.90 30.15 -0.02
N SER A 112 -13.68 29.28 -0.67
CA SER A 112 -15.10 29.17 -0.40
C SER A 112 -15.40 28.01 0.54
N HIS A 113 -16.63 27.97 1.04
CA HIS A 113 -17.02 26.93 1.99
C HIS A 113 -18.42 26.41 1.72
N ALA A 114 -18.89 25.55 2.62
CA ALA A 114 -20.14 24.82 2.41
C ALA A 114 -21.34 25.73 2.14
N GLY A 115 -21.41 26.85 2.85
CA GLY A 115 -22.53 27.76 2.72
C GLY A 115 -22.75 28.44 1.37
N GLU A 116 -21.69 28.57 0.58
CA GLU A 116 -21.79 29.29 -0.69
C GLU A 116 -21.85 28.40 -1.93
N LEU A 117 -21.89 27.09 -1.72
CA LEU A 117 -21.78 26.16 -2.84
C LEU A 117 -23.06 26.14 -3.68
N GLU A 118 -24.21 26.28 -3.03
CA GLU A 118 -25.49 26.32 -3.73
C GLU A 118 -25.76 27.68 -4.36
N ALA A 119 -24.87 28.64 -4.13
CA ALA A 119 -24.99 29.95 -4.73
C ALA A 119 -24.17 29.98 -6.00
N LEU A 120 -23.58 28.82 -6.32
CA LEU A 120 -22.92 28.62 -7.60
C LEU A 120 -23.75 27.64 -8.43
N GLY A 121 -23.40 27.49 -9.70
CA GLY A 121 -24.16 26.63 -10.59
C GLY A 121 -23.94 25.17 -10.26
N GLY A 122 -22.71 24.86 -9.91
CA GLY A 122 -22.26 23.50 -9.67
C GLY A 122 -20.77 23.49 -9.93
N VAL A 123 -20.04 22.64 -9.23
CA VAL A 123 -18.60 22.74 -9.23
C VAL A 123 -17.94 21.48 -9.78
N LYS A 124 -16.99 21.67 -10.69
CA LYS A 124 -16.22 20.58 -11.27
C LYS A 124 -14.72 20.81 -11.13
N PRO A 125 -13.95 19.72 -11.02
CA PRO A 125 -12.49 19.80 -10.89
C PRO A 125 -11.85 20.50 -12.07
N ALA A 126 -10.89 21.38 -11.78
CA ALA A 126 -10.25 22.18 -12.80
C ALA A 126 -8.75 21.99 -12.76
N VAL A 127 -8.10 22.29 -13.88
CA VAL A 127 -6.66 22.19 -13.97
C VAL A 127 -6.08 23.54 -14.38
N LEU A 128 -4.94 23.89 -13.80
CA LEU A 128 -4.25 25.12 -14.19
C LEU A 128 -3.48 24.88 -15.48
N THR A 129 -3.51 25.86 -16.36
CA THR A 129 -2.76 25.80 -17.61
C THR A 129 -1.95 27.08 -17.77
N ARG A 130 -1.17 27.15 -18.84
CA ARG A 130 -0.43 28.37 -19.19
C ARG A 130 0.59 28.75 -18.12
N PRO A 134 -8.15 27.12 -17.58
CA PRO A 134 -8.78 25.88 -17.11
C PRO A 134 -9.00 24.89 -18.25
N SER A 135 -8.89 23.60 -17.92
CA SER A 135 -9.24 22.51 -18.81
C SER A 135 -9.82 21.40 -17.96
N GLN A 136 -10.19 20.28 -18.58
CA GLN A 136 -10.75 19.18 -17.83
C GLN A 136 -9.89 17.93 -17.94
N PRO A 137 -9.94 17.07 -16.90
CA PRO A 137 -9.02 15.94 -16.80
C PRO A 137 -9.14 14.95 -17.95
N LEU A 138 -8.09 14.92 -18.77
CA LEU A 138 -8.05 14.10 -19.97
C LEU A 138 -7.96 12.62 -19.63
N LEU A 139 -7.48 12.31 -18.44
CA LEU A 139 -7.42 10.94 -17.94
C LEU A 139 -8.74 10.56 -17.27
N PRO A 140 -9.05 9.26 -17.21
CA PRO A 140 -10.34 8.81 -16.68
C PRO A 140 -10.43 8.75 -15.15
N GLN A 141 -10.89 9.85 -14.53
CA GLN A 141 -11.13 9.87 -13.09
C GLN A 141 -12.57 10.31 -12.85
N HIS A 142 -12.89 10.78 -11.63
CA HIS A 142 -14.28 10.96 -11.16
C HIS A 142 -14.94 9.58 -11.01
N SER A 143 -16.04 9.46 -10.25
CA SER A 143 -16.59 10.48 -9.35
C SER A 143 -16.42 9.89 -7.97
N SER A 144 -15.96 10.69 -7.01
CA SER A 144 -15.40 10.11 -5.78
C SER A 144 -16.31 9.12 -5.06
N LEU A 145 -15.65 8.09 -4.56
CA LEU A 145 -16.28 6.98 -3.85
C LEU A 145 -16.97 7.44 -2.56
N GLU A 146 -16.34 8.38 -1.88
CA GLU A 146 -16.84 8.88 -0.59
C GLU A 146 -18.16 9.63 -0.73
N THR A 147 -18.30 10.37 -1.83
CA THR A 147 -19.52 11.13 -2.07
C THR A 147 -20.68 10.19 -2.36
N GLN A 148 -20.43 9.19 -3.19
CA GLN A 148 -21.43 8.19 -3.54
C GLN A 148 -21.93 7.41 -2.33
N LEU A 149 -21.00 7.02 -1.44
CA LEU A 149 -21.35 6.15 -0.32
C LEU A 149 -21.86 6.86 0.93
N PHE A 150 -21.45 8.09 1.13
CA PHE A 150 -21.74 8.76 2.41
C PHE A 150 -22.62 10.01 2.25
N CYS A 151 -22.75 10.48 1.01
CA CYS A 151 -23.61 11.62 0.71
C CYS A 151 -24.82 11.17 -0.11
N GLU A 152 -24.85 9.89 -0.44
CA GLU A 152 -25.95 9.24 -1.14
C GLU A 152 -26.07 9.80 -2.57
N GLU A 168 -18.30 19.39 14.62
CA GLU A 168 -18.04 20.73 14.09
C GLU A 168 -17.76 21.70 15.24
N LYS A 169 -17.58 21.15 16.43
CA LYS A 169 -17.39 21.96 17.62
C LYS A 169 -16.36 21.38 18.57
N ILE A 170 -15.19 22.02 18.65
CA ILE A 170 -14.18 21.67 19.65
C ILE A 170 -13.50 22.90 20.24
N PRO A 171 -13.39 22.93 21.58
CA PRO A 171 -12.56 23.88 22.32
C PRO A 171 -11.34 23.17 22.89
N PRO A 172 -10.39 23.92 23.44
CA PRO A 172 -10.07 25.32 23.17
C PRO A 172 -9.18 25.45 21.93
N ASP A 173 -8.21 24.53 21.86
CA ASP A 173 -7.20 24.46 20.83
C ASP A 173 -6.62 23.05 20.80
N SER A 174 -7.00 22.17 19.86
CA SER A 174 -7.77 22.41 18.63
C SER A 174 -7.14 23.47 17.74
N GLU A 175 -6.06 23.09 17.05
CA GLU A 175 -5.49 23.89 15.98
C GLU A 175 -5.86 23.19 14.68
N ALA A 176 -5.84 23.90 13.57
CA ALA A 176 -6.33 23.32 12.33
C ALA A 176 -5.22 22.95 11.34
N THR A 177 -5.52 22.01 10.47
CA THR A 177 -4.66 21.66 9.35
C THR A 177 -5.44 21.92 8.09
N LEU A 178 -4.85 22.67 7.19
CA LEU A 178 -5.46 22.94 5.94
C LEU A 178 -4.73 22.16 4.85
N VAL A 179 -5.48 21.37 4.10
CA VAL A 179 -4.91 20.58 3.01
C VAL A 179 -5.43 21.09 1.68
N LEU A 180 -4.51 21.50 0.80
CA LEU A 180 -4.87 22.02 -0.51
C LEU A 180 -4.37 21.11 -1.64
N VAL A 181 -5.28 20.71 -2.52
CA VAL A 181 -4.92 19.85 -3.63
C VAL A 181 -5.35 20.51 -4.94
N GLY A 182 -4.43 20.58 -5.89
CA GLY A 182 -4.68 21.24 -7.16
C GLY A 182 -3.92 20.63 -8.32
N ARG A 183 -4.56 20.59 -9.48
CA ARG A 183 -3.94 20.06 -10.69
C ARG A 183 -3.41 21.18 -11.58
N ALA A 184 -2.24 20.97 -12.16
CA ALA A 184 -1.64 21.93 -13.10
C ALA A 184 -0.87 21.13 -14.13
N ASP A 185 -1.25 21.26 -15.40
CA ASP A 185 -0.72 20.38 -16.44
C ASP A 185 0.69 20.73 -16.88
N PHE A 186 1.15 21.92 -16.50
CA PHE A 186 2.50 22.36 -16.86
C PHE A 186 3.57 21.92 -15.86
N LEU A 187 3.16 21.34 -14.74
CA LEU A 187 4.15 20.83 -13.80
C LEU A 187 4.64 19.48 -14.29
N GLU A 188 5.94 19.24 -14.16
CA GLU A 188 6.51 18.00 -14.66
C GLU A 188 6.30 16.84 -13.69
N GLN A 189 6.05 17.16 -12.42
CA GLN A 189 5.89 16.12 -11.40
C GLN A 189 5.00 16.61 -10.25
N PRO A 190 4.32 15.67 -9.59
CA PRO A 190 3.52 16.03 -8.40
C PRO A 190 4.44 16.48 -7.26
N VAL A 191 4.08 17.56 -6.57
CA VAL A 191 4.87 18.07 -5.46
C VAL A 191 4.07 18.13 -4.16
N LEU A 192 4.75 17.95 -3.04
CA LEU A 192 4.14 18.12 -1.73
C LEU A 192 4.86 19.23 -0.99
N GLY A 193 4.09 20.18 -0.47
CA GLY A 193 4.63 21.17 0.45
C GLY A 193 4.03 20.94 1.82
N PHE A 194 4.87 20.96 2.85
CA PHE A 194 4.41 20.84 4.23
C PHE A 194 4.90 22.02 5.04
N VAL A 195 3.97 22.71 5.69
CA VAL A 195 4.28 23.90 6.46
C VAL A 195 3.76 23.80 7.88
N ARG A 196 4.64 24.02 8.86
CA ARG A 196 4.22 24.28 10.23
C ARG A 196 4.55 25.71 10.64
N LEU A 197 3.52 26.49 10.96
CA LEU A 197 3.69 27.89 11.35
C LEU A 197 4.33 28.00 12.73
N GLN A 198 5.14 29.04 12.92
CA GLN A 198 5.74 29.31 14.22
C GLN A 198 4.65 29.52 15.26
N GLU A 199 3.71 30.41 14.94
CA GLU A 199 2.57 30.66 15.80
C GLU A 199 1.28 30.39 15.05
N ALA A 200 0.37 29.70 15.71
CA ALA A 200 -0.94 29.40 15.11
C ALA A 200 -1.62 30.70 14.73
N ALA A 201 -2.29 30.68 13.58
CA ALA A 201 -2.85 31.90 13.05
C ALA A 201 -4.14 31.66 12.32
N GLU A 202 -5.10 32.54 12.56
CA GLU A 202 -6.35 32.56 11.82
C GLU A 202 -6.02 33.18 10.48
N LEU A 203 -6.50 32.61 9.39
CA LEU A 203 -6.15 33.15 8.07
C LEU A 203 -7.35 33.68 7.30
N GLU A 204 -7.63 33.02 6.18
CA GLU A 204 -8.71 33.42 5.29
C GLU A 204 -9.25 32.18 4.61
N ALA A 205 -8.43 31.14 4.55
CA ALA A 205 -8.78 29.90 3.87
C ALA A 205 -9.90 29.12 4.58
N VAL A 206 -9.80 29.02 5.90
CA VAL A 206 -10.70 28.17 6.69
C VAL A 206 -11.77 28.97 7.45
N GLU A 207 -13.02 28.52 7.33
CA GLU A 207 -14.18 29.24 7.85
C GLU A 207 -14.31 29.20 9.35
N LEU A 208 -14.08 28.02 9.94
CA LEU A 208 -14.18 27.86 11.38
C LEU A 208 -13.21 28.78 12.10
N PRO A 209 -13.69 29.47 13.14
CA PRO A 209 -12.82 30.33 13.95
C PRO A 209 -11.77 29.51 14.69
N VAL A 210 -10.99 28.77 13.92
CA VAL A 210 -9.96 27.87 14.44
C VAL A 210 -8.62 28.21 13.81
N PRO A 211 -7.62 28.52 14.65
CA PRO A 211 -6.28 28.89 14.18
C PRO A 211 -5.59 27.76 13.41
N ILE A 212 -5.02 28.10 12.25
CA ILE A 212 -4.33 27.14 11.40
C ILE A 212 -2.86 26.97 11.83
N ARG A 213 -2.45 25.74 12.08
CA ARG A 213 -1.07 25.45 12.40
C ARG A 213 -0.31 24.82 11.23
N PHE A 214 -0.96 23.90 10.55
CA PHE A 214 -0.31 23.14 9.49
C PHE A 214 -0.92 23.39 8.13
N LEU A 215 -0.09 23.39 7.09
CA LEU A 215 -0.58 23.41 5.71
C LEU A 215 0.03 22.30 4.89
N PHE A 216 -0.82 21.60 4.15
CA PHE A 216 -0.39 20.63 3.13
C PHE A 216 -0.73 21.18 1.76
N VAL A 217 0.26 21.26 0.88
CA VAL A 217 -0.01 21.68 -0.49
C VAL A 217 0.41 20.58 -1.45
N LEU A 218 -0.56 20.09 -2.21
CA LEU A 218 -0.33 19.02 -3.16
C LEU A 218 -0.71 19.48 -4.55
N LEU A 219 0.30 19.64 -5.39
CA LEU A 219 0.11 20.13 -6.75
C LEU A 219 0.77 19.18 -7.72
N GLY A 220 0.16 19.00 -8.88
CA GLY A 220 0.79 18.21 -9.93
C GLY A 220 -0.09 18.02 -11.15
N PRO A 221 0.49 17.41 -12.19
CA PRO A 221 -0.17 17.09 -13.46
C PRO A 221 -0.90 15.76 -13.37
N GLU A 222 -1.68 15.45 -14.40
CA GLU A 222 -2.35 14.17 -14.47
C GLU A 222 -1.36 13.04 -14.64
N ALA A 223 -1.59 11.97 -13.90
CA ALA A 223 -0.72 10.80 -13.96
C ALA A 223 -1.56 9.59 -13.64
N PRO A 224 -1.20 8.44 -14.23
CA PRO A 224 -1.90 7.20 -13.88
C PRO A 224 -1.68 6.87 -12.41
N HIS A 225 -2.73 6.41 -11.75
CA HIS A 225 -2.70 6.02 -10.33
C HIS A 225 -2.53 7.22 -9.40
N ILE A 226 -2.74 8.43 -9.89
CA ILE A 226 -2.80 9.59 -9.01
C ILE A 226 -4.16 10.25 -9.09
N ASP A 227 -4.97 9.98 -8.08
CA ASP A 227 -6.23 10.69 -7.85
C ASP A 227 -5.94 11.72 -6.77
N TYR A 228 -5.94 12.99 -7.14
CA TYR A 228 -5.47 14.05 -6.23
C TYR A 228 -6.39 14.25 -5.03
N THR A 229 -7.67 13.93 -5.21
CA THR A 229 -8.61 13.98 -4.10
C THR A 229 -8.25 12.92 -3.06
N GLN A 230 -7.93 11.73 -3.55
CA GLN A 230 -7.55 10.62 -2.68
C GLN A 230 -6.18 10.86 -2.06
N LEU A 231 -5.29 11.52 -2.81
CA LEU A 231 -4.02 11.94 -2.25
C LEU A 231 -4.26 12.93 -1.11
N GLY A 232 -5.15 13.88 -1.35
CA GLY A 232 -5.54 14.83 -0.31
C GLY A 232 -6.15 14.16 0.90
N ARG A 233 -7.00 13.17 0.64
CA ARG A 233 -7.60 12.40 1.73
C ARG A 233 -6.56 11.65 2.57
N ALA A 234 -5.53 11.12 1.90
CA ALA A 234 -4.49 10.40 2.60
C ALA A 234 -3.67 11.33 3.47
N ALA A 235 -3.37 12.52 2.94
CA ALA A 235 -2.63 13.51 3.70
C ALA A 235 -3.41 13.96 4.92
N ALA A 236 -4.72 14.16 4.73
CA ALA A 236 -5.57 14.59 5.83
C ALA A 236 -5.74 13.50 6.88
N THR A 237 -5.93 12.27 6.43
CA THR A 237 -6.10 11.13 7.35
C THR A 237 -4.84 10.91 8.16
N LEU A 238 -3.71 11.07 7.52
CA LEU A 238 -2.46 10.98 8.21
C LEU A 238 -2.34 12.09 9.26
N MET A 239 -2.79 13.29 8.93
CA MET A 239 -2.75 14.38 9.87
C MET A 239 -3.77 14.21 11.00
N SER A 240 -4.81 13.41 10.76
CA SER A 240 -5.82 13.14 11.78
C SER A 240 -5.37 12.05 12.74
N GLU A 241 -4.30 11.35 12.40
CA GLU A 241 -3.80 10.26 13.22
C GLU A 241 -2.89 10.82 14.32
N ARG A 242 -3.14 10.44 15.57
CA ARG A 242 -2.56 11.16 16.71
C ARG A 242 -1.05 11.08 16.79
N VAL A 243 -0.48 9.92 16.46
CA VAL A 243 0.96 9.74 16.56
C VAL A 243 1.70 10.61 15.54
N PHE A 244 1.18 10.71 14.32
CA PHE A 244 1.81 11.58 13.35
C PHE A 244 1.65 13.04 13.73
N ARG A 245 0.51 13.38 14.31
CA ARG A 245 0.28 14.76 14.74
C ARG A 245 1.28 15.18 15.80
N ILE A 246 1.56 14.29 16.74
CA ILE A 246 2.57 14.55 17.77
C ILE A 246 3.93 14.75 17.11
N ASP A 247 4.30 13.82 16.23
CA ASP A 247 5.57 13.91 15.52
C ASP A 247 5.64 15.18 14.67
N ALA A 248 4.48 15.65 14.20
CA ALA A 248 4.45 16.83 13.36
C ALA A 248 4.67 18.12 14.15
N TYR A 249 4.34 18.11 15.44
CA TYR A 249 4.61 19.26 16.29
C TYR A 249 6.07 19.29 16.73
N MET A 250 6.68 18.11 16.86
CA MET A 250 8.04 18.00 17.38
C MET A 250 9.11 18.01 16.30
N ALA A 251 8.72 17.67 15.07
CA ALA A 251 9.68 17.44 13.99
C ALA A 251 10.57 18.65 13.73
N GLN A 252 11.86 18.39 13.53
CA GLN A 252 12.80 19.45 13.23
C GLN A 252 13.44 19.27 11.87
N SER A 253 13.02 18.22 11.17
CA SER A 253 13.48 17.96 9.81
C SER A 253 12.40 17.18 9.07
N ARG A 254 12.55 17.06 7.75
CA ARG A 254 11.67 16.22 6.97
C ARG A 254 11.83 14.77 7.39
N GLY A 255 13.08 14.40 7.69
CA GLY A 255 13.42 13.05 8.08
C GLY A 255 12.56 12.53 9.21
N GLU A 256 12.23 13.40 10.16
CA GLU A 256 11.44 13.01 11.31
C GLU A 256 9.97 12.83 10.94
N LEU A 257 9.49 13.62 9.99
CA LEU A 257 8.13 13.45 9.50
C LEU A 257 8.01 12.12 8.75
N LEU A 258 9.04 11.80 7.97
CA LEU A 258 9.05 10.58 7.16
C LEU A 258 9.09 9.33 8.03
N HIS A 259 9.88 9.40 9.09
CA HIS A 259 9.94 8.29 10.05
C HIS A 259 8.56 8.02 10.63
N SER A 260 7.81 9.09 10.89
CA SER A 260 6.45 8.93 11.38
C SER A 260 5.53 8.37 10.30
N LEU A 261 5.73 8.81 9.06
CA LEU A 261 4.91 8.30 7.96
C LEU A 261 5.17 6.81 7.73
N GLU A 262 6.42 6.39 7.81
CA GLU A 262 6.75 4.97 7.63
C GLU A 262 6.13 4.12 8.73
N GLY A 263 6.12 4.64 9.95
CA GLY A 263 5.45 3.95 11.05
C GLY A 263 3.95 3.86 10.82
N PHE A 264 3.37 4.93 10.31
CA PHE A 264 1.95 4.97 9.92
C PHE A 264 1.66 3.87 8.89
N LEU A 265 2.54 3.74 7.91
CA LEU A 265 2.42 2.70 6.89
C LEU A 265 2.69 1.29 7.45
N ASP A 266 3.66 1.17 8.36
CA ASP A 266 3.93 -0.10 9.04
C ASP A 266 2.68 -0.64 9.75
N CYS A 267 1.85 0.27 10.25
CA CYS A 267 0.69 -0.15 11.05
C CYS A 267 -0.61 -0.02 10.27
N SER A 268 -0.50 0.04 8.95
CA SER A 268 -1.67 0.02 8.10
C SER A 268 -1.99 -1.39 7.65
N LEU A 269 -3.28 -1.68 7.54
CA LEU A 269 -3.75 -2.99 7.11
C LEU A 269 -4.27 -2.84 5.70
N VAL A 270 -3.83 -3.73 4.81
CA VAL A 270 -4.32 -3.68 3.44
C VAL A 270 -5.30 -4.82 3.24
N LEU A 271 -6.52 -4.46 2.86
CA LEU A 271 -7.56 -5.43 2.55
C LEU A 271 -7.65 -5.59 1.06
N PRO A 272 -7.20 -6.75 0.56
CA PRO A 272 -7.25 -7.09 -0.86
C PRO A 272 -8.65 -7.50 -1.30
N PRO A 273 -8.93 -7.40 -2.61
CA PRO A 273 -10.21 -7.84 -3.18
C PRO A 273 -10.46 -9.33 -2.95
N THR A 274 -11.66 -9.70 -2.50
CA THR A 274 -12.01 -11.11 -2.27
C THR A 274 -13.27 -11.46 -3.07
N ASP A 275 -13.29 -12.66 -3.65
CA ASP A 275 -14.44 -13.12 -4.44
C ASP A 275 -15.62 -13.42 -3.53
N ALA A 276 -15.32 -13.63 -2.25
CA ALA A 276 -16.33 -14.05 -1.30
C ALA A 276 -16.22 -13.18 -0.06
N PRO A 277 -16.69 -11.93 -0.18
CA PRO A 277 -16.73 -11.03 0.97
C PRO A 277 -17.63 -11.56 2.08
N SER A 278 -17.05 -11.72 3.26
CA SER A 278 -17.75 -12.30 4.40
C SER A 278 -17.43 -11.46 5.62
N GLU A 279 -18.46 -11.12 6.39
CA GLU A 279 -18.27 -10.30 7.57
C GLU A 279 -17.66 -11.16 8.68
N GLN A 280 -17.85 -12.47 8.58
CA GLN A 280 -17.21 -13.42 9.48
C GLN A 280 -15.72 -13.47 9.14
N ALA A 281 -15.43 -13.34 7.85
CA ALA A 281 -14.05 -13.29 7.38
C ALA A 281 -13.32 -12.05 7.91
N LEU A 282 -13.97 -10.90 7.85
CA LEU A 282 -13.36 -9.65 8.32
C LEU A 282 -13.10 -9.65 9.81
N LEU A 283 -13.95 -10.33 10.57
CA LEU A 283 -13.80 -10.34 12.02
C LEU A 283 -12.65 -11.26 12.43
N SER A 284 -12.12 -12.07 11.52
CA SER A 284 -10.87 -12.77 11.80
C SER A 284 -9.71 -11.77 11.90
N LEU A 285 -9.92 -10.58 11.35
CA LEU A 285 -8.89 -9.52 11.32
C LEU A 285 -8.84 -8.62 12.55
N VAL A 286 -9.72 -8.88 13.52
CA VAL A 286 -9.84 -8.01 14.69
C VAL A 286 -8.54 -7.91 15.50
N PRO A 287 -7.91 -9.05 15.84
CA PRO A 287 -6.66 -8.86 16.58
C PRO A 287 -5.52 -8.28 15.74
N VAL A 288 -5.63 -8.34 14.41
CA VAL A 288 -4.64 -7.73 13.54
C VAL A 288 -4.76 -6.21 13.62
N GLN A 289 -5.97 -5.71 13.43
CA GLN A 289 -6.22 -4.27 13.51
C GLN A 289 -5.76 -3.73 14.86
N ARG A 290 -6.16 -4.40 15.93
CA ARG A 290 -5.78 -4.00 17.29
C ARG A 290 -4.27 -4.10 17.55
N GLU A 291 -3.63 -5.13 17.01
CA GLU A 291 -2.20 -5.30 17.23
C GLU A 291 -1.41 -4.26 16.44
N LEU A 292 -1.95 -3.86 15.30
CA LEU A 292 -1.32 -2.85 14.46
C LEU A 292 -1.43 -1.50 15.17
N LEU A 293 -2.57 -1.29 15.82
CA LEU A 293 -2.79 -0.04 16.53
C LEU A 293 -1.93 -0.03 17.79
N ARG A 294 -1.69 -1.21 18.35
CA ARG A 294 -0.88 -1.32 19.56
C ARG A 294 0.56 -0.94 19.21
N ARG A 295 1.04 -1.43 18.06
CA ARG A 295 2.39 -1.11 17.61
C ARG A 295 2.58 0.38 17.35
N ARG A 296 1.58 0.99 16.77
CA ARG A 296 1.64 2.40 16.50
C ARG A 296 1.78 3.22 17.79
N TYR A 297 1.00 2.89 18.80
CA TYR A 297 1.07 3.57 20.07
C TYR A 297 2.39 3.40 20.78
N GLN A 298 3.12 2.37 20.46
CA GLN A 298 4.49 2.19 20.93
C GLN A 298 5.49 2.59 19.85
N SER A 299 5.84 3.88 19.79
CA SER A 299 6.79 4.41 18.81
C SER A 299 7.05 5.88 19.11
N SER A 300 8.27 6.34 18.84
CA SER A 300 8.62 7.76 18.94
C SER A 300 10.00 8.02 18.37
N LYS B 6 -10.68 -21.67 -3.55
CA LYS B 6 -11.10 -22.78 -4.40
C LYS B 6 -9.95 -23.28 -5.27
N VAL B 7 -8.75 -22.86 -4.93
CA VAL B 7 -7.52 -23.47 -5.43
C VAL B 7 -6.53 -23.63 -4.29
N TYR B 8 -5.40 -24.29 -4.54
CA TYR B 8 -4.43 -24.50 -3.48
C TYR B 8 -3.16 -23.69 -3.71
N VAL B 9 -2.78 -22.91 -2.70
CA VAL B 9 -1.52 -22.17 -2.72
C VAL B 9 -0.69 -22.59 -1.51
N GLU B 10 0.58 -22.86 -1.73
CA GLU B 10 1.46 -23.24 -0.63
C GLU B 10 2.69 -22.35 -0.60
N LEU B 11 2.97 -21.79 0.57
CA LEU B 11 4.15 -20.97 0.77
C LEU B 11 5.20 -21.73 1.54
N GLN B 12 6.42 -21.75 1.00
CA GLN B 12 7.52 -22.40 1.69
C GLN B 12 8.68 -21.43 1.87
N GLU B 13 9.35 -21.55 3.00
CA GLU B 13 10.46 -20.66 3.30
C GLU B 13 11.77 -21.40 3.45
N LEU B 14 12.87 -20.77 3.15
CA LEU B 14 14.16 -21.38 3.24
C LEU B 14 14.61 -21.28 4.67
N VAL B 15 14.80 -22.42 5.29
CA VAL B 15 15.09 -22.47 6.71
C VAL B 15 16.20 -23.46 7.08
N MET B 16 16.58 -23.43 8.36
CA MET B 16 17.47 -24.43 8.94
C MET B 16 16.79 -25.10 10.12
N ASP B 17 16.82 -26.43 10.15
CA ASP B 17 16.25 -27.15 11.29
C ASP B 17 17.21 -27.17 12.48
N GLU B 18 16.71 -27.51 13.66
CA GLU B 18 17.52 -27.45 14.87
C GLU B 18 18.14 -28.79 15.25
N LYS B 19 17.64 -29.86 14.65
CA LYS B 19 18.16 -31.19 14.96
C LYS B 19 19.42 -31.47 14.16
N ASN B 20 19.36 -31.20 12.86
CA ASN B 20 20.46 -31.52 11.96
C ASN B 20 21.24 -30.32 11.44
N GLN B 21 20.70 -29.12 11.61
CA GLN B 21 21.32 -27.88 11.10
C GLN B 21 21.35 -27.89 9.57
N GLU B 22 20.42 -28.64 8.96
CA GLU B 22 20.33 -28.70 7.51
C GLU B 22 19.53 -27.55 6.94
N LEU B 23 19.95 -27.04 5.79
CA LEU B 23 19.09 -26.14 5.02
C LEU B 23 17.97 -26.94 4.38
N ARG B 24 16.75 -26.41 4.46
CA ARG B 24 15.62 -27.03 3.79
C ARG B 24 14.53 -26.01 3.54
N TRP B 25 13.61 -26.37 2.66
CA TRP B 25 12.42 -25.59 2.43
C TRP B 25 11.36 -26.12 3.39
N MET B 26 10.74 -25.22 4.15
CA MET B 26 9.68 -25.61 5.07
C MET B 26 8.40 -24.86 4.77
N GLU B 27 7.32 -25.63 4.66
CA GLU B 27 5.98 -25.09 4.56
C GLU B 27 5.75 -24.09 5.68
N ALA B 28 5.13 -22.96 5.35
CA ALA B 28 4.94 -21.90 6.33
C ALA B 28 3.49 -21.45 6.40
N ALA B 29 2.79 -21.55 5.27
CA ALA B 29 1.40 -21.14 5.20
C ALA B 29 0.73 -21.73 3.97
N ARG B 30 -0.60 -21.83 4.00
CA ARG B 30 -1.33 -22.38 2.88
C ARG B 30 -2.68 -21.69 2.71
N TRP B 31 -3.18 -21.71 1.47
CA TRP B 31 -4.42 -21.03 1.09
C TRP B 31 -5.33 -22.01 0.36
N VAL B 32 -6.58 -22.09 0.78
CA VAL B 32 -7.60 -22.76 -0.03
C VAL B 32 -8.72 -21.75 -0.18
N GLN B 33 -9.56 -21.63 0.84
CA GLN B 33 -10.56 -20.59 0.86
C GLN B 33 -9.99 -19.45 1.70
N LEU B 34 -9.40 -19.85 2.81
CA LEU B 34 -8.74 -18.93 3.73
C LEU B 34 -7.26 -19.28 3.88
N GLU B 35 -6.55 -18.50 4.68
CA GLU B 35 -5.15 -18.71 4.93
C GLU B 35 -4.94 -19.40 6.27
N GLU B 36 -4.06 -20.41 6.30
CA GLU B 36 -3.63 -21.02 7.56
C GLU B 36 -2.12 -20.88 7.69
N ASN B 37 -1.66 -20.63 8.92
CA ASN B 37 -0.24 -20.46 9.19
C ASN B 37 0.29 -21.56 10.08
N LEU B 38 1.50 -22.03 9.78
CA LEU B 38 2.09 -23.13 10.52
C LEU B 38 2.83 -22.64 11.77
N GLY B 39 2.37 -23.11 12.92
CA GLY B 39 2.95 -22.73 14.20
C GLY B 39 4.33 -23.29 14.45
N GLU B 40 5.02 -22.74 15.45
CA GLU B 40 6.42 -23.05 15.72
C GLU B 40 6.64 -24.56 15.86
N ASN B 41 5.70 -25.18 16.52
CA ASN B 41 5.80 -26.60 16.80
C ASN B 41 4.89 -27.51 15.99
N GLY B 42 4.58 -27.11 14.77
CA GLY B 42 3.99 -27.99 13.80
C GLY B 42 2.51 -28.04 13.67
N ALA B 43 1.83 -27.17 14.37
CA ALA B 43 0.37 -27.17 14.38
C ALA B 43 -0.16 -26.02 13.53
N TRP B 44 -1.25 -26.26 12.80
CA TRP B 44 -1.86 -25.19 12.01
C TRP B 44 -2.62 -24.21 12.89
N GLY B 45 -2.35 -22.92 12.70
CA GLY B 45 -3.13 -21.89 13.38
C GLY B 45 -4.51 -21.84 12.77
N ARG B 46 -5.34 -20.91 13.23
CA ARG B 46 -6.71 -20.85 12.76
C ARG B 46 -6.80 -20.13 11.41
N PRO B 47 -7.76 -20.57 10.58
CA PRO B 47 -7.99 -19.94 9.27
C PRO B 47 -8.35 -18.47 9.44
N HIS B 48 -7.91 -17.63 8.52
CA HIS B 48 -8.21 -16.20 8.60
C HIS B 48 -8.12 -15.54 7.23
N LEU B 49 -8.78 -14.40 7.11
CA LEU B 49 -8.74 -13.61 5.88
C LEU B 49 -7.32 -13.09 5.66
N SER B 50 -6.87 -13.08 4.41
CA SER B 50 -5.50 -12.67 4.17
C SER B 50 -5.40 -11.15 4.12
N HIS B 51 -4.83 -10.57 5.17
CA HIS B 51 -4.50 -9.17 5.20
C HIS B 51 -3.06 -9.04 4.77
N LEU B 52 -2.70 -7.91 4.17
CA LEU B 52 -1.34 -7.74 3.69
C LEU B 52 -0.77 -6.47 4.25
N THR B 53 0.54 -6.45 4.42
CA THR B 53 1.23 -5.23 4.81
C THR B 53 1.38 -4.33 3.58
N PHE B 54 1.42 -3.03 3.81
CA PHE B 54 1.60 -2.09 2.72
C PHE B 54 2.95 -2.31 2.03
N TRP B 55 3.99 -2.53 2.83
CA TRP B 55 5.33 -2.72 2.28
C TRP B 55 5.45 -3.96 1.39
N SER B 56 4.71 -5.03 1.69
CA SER B 56 4.82 -6.25 0.91
C SER B 56 4.23 -6.07 -0.51
N LEU B 57 3.17 -5.27 -0.63
CA LEU B 57 2.58 -5.03 -1.93
C LEU B 57 3.42 -4.02 -2.72
N LEU B 58 3.98 -3.04 -2.02
CA LEU B 58 4.89 -2.10 -2.65
C LEU B 58 6.11 -2.80 -3.23
N GLU B 59 6.72 -3.68 -2.44
CA GLU B 59 7.90 -4.37 -2.91
C GLU B 59 7.53 -5.44 -3.95
N LEU B 60 6.39 -6.09 -3.78
CA LEU B 60 5.97 -7.09 -4.75
C LEU B 60 5.79 -6.46 -6.12
N ARG B 61 5.13 -5.31 -6.17
CA ARG B 61 4.94 -4.62 -7.43
C ARG B 61 6.28 -4.25 -8.06
N ARG B 62 7.22 -3.78 -7.24
CA ARG B 62 8.53 -3.39 -7.75
C ARG B 62 9.26 -4.56 -8.38
N VAL B 63 9.29 -5.70 -7.70
CA VAL B 63 10.04 -6.86 -8.22
C VAL B 63 9.29 -7.50 -9.36
N PHE B 64 7.96 -7.40 -9.35
CA PHE B 64 7.17 -7.94 -10.45
C PHE B 64 7.41 -7.12 -11.74
N THR B 65 7.64 -5.82 -11.59
CA THR B 65 7.82 -4.93 -12.74
C THR B 65 9.03 -5.32 -13.61
N LYS B 66 10.11 -5.74 -12.97
CA LYS B 66 11.25 -6.28 -13.71
C LYS B 66 11.36 -7.77 -13.46
N GLY B 67 10.21 -8.39 -13.23
CA GLY B 67 10.16 -9.82 -12.93
C GLY B 67 10.55 -10.68 -14.11
N THR B 68 11.04 -11.87 -13.79
CA THR B 68 11.39 -12.85 -14.80
C THR B 68 10.25 -13.84 -14.96
N VAL B 69 9.67 -13.88 -16.15
CA VAL B 69 8.47 -14.65 -16.37
C VAL B 69 8.70 -15.75 -17.41
N LEU B 70 8.30 -16.98 -17.07
CA LEU B 70 8.38 -18.11 -18.00
C LEU B 70 6.99 -18.72 -18.21
N LEU B 71 6.35 -18.37 -19.31
CA LEU B 71 4.99 -18.82 -19.54
C LEU B 71 4.92 -20.08 -20.41
N ASP B 72 4.02 -20.99 -20.03
CA ASP B 72 3.85 -22.27 -20.69
C ASP B 72 5.19 -22.99 -20.85
N LEU B 73 5.89 -23.12 -19.72
CA LEU B 73 7.21 -23.76 -19.67
C LEU B 73 7.08 -25.28 -19.69
N GLN B 74 7.75 -25.91 -20.65
CA GLN B 74 7.67 -27.36 -20.79
C GLN B 74 8.61 -28.08 -19.83
N GLU B 75 8.23 -28.12 -18.55
CA GLU B 75 8.95 -28.94 -17.58
C GLU B 75 7.95 -29.67 -16.69
N THR B 76 8.41 -30.72 -16.02
CA THR B 76 7.56 -31.52 -15.15
C THR B 76 8.30 -31.87 -13.86
N SER B 77 9.49 -31.32 -13.72
CA SER B 77 10.28 -31.48 -12.52
C SER B 77 10.72 -30.12 -11.98
N LEU B 78 10.90 -30.02 -10.67
CA LEU B 78 11.36 -28.77 -10.09
C LEU B 78 12.78 -28.46 -10.56
N ALA B 79 13.58 -29.51 -10.76
CA ALA B 79 14.94 -29.35 -11.24
C ALA B 79 14.97 -28.76 -12.64
N GLY B 80 14.07 -29.22 -13.50
CA GLY B 80 13.94 -28.68 -14.84
C GLY B 80 13.53 -27.22 -14.80
N VAL B 81 12.55 -26.91 -13.94
CA VAL B 81 12.07 -25.55 -13.80
C VAL B 81 13.16 -24.64 -13.28
N ALA B 82 13.88 -25.11 -12.27
CA ALA B 82 14.90 -24.30 -11.63
C ALA B 82 16.05 -24.00 -12.57
N ASN B 83 16.41 -24.96 -13.40
CA ASN B 83 17.45 -24.73 -14.40
C ASN B 83 17.00 -23.70 -15.42
N GLN B 84 15.76 -23.81 -15.89
CA GLN B 84 15.23 -22.84 -16.85
C GLN B 84 15.11 -21.45 -16.26
N LEU B 85 14.56 -21.36 -15.05
CA LEU B 85 14.37 -20.08 -14.41
C LEU B 85 15.70 -19.37 -14.18
N LEU B 86 16.70 -20.11 -13.71
CA LEU B 86 18.00 -19.51 -13.41
C LEU B 86 18.70 -19.05 -14.69
N ASP B 87 18.53 -19.80 -15.78
CA ASP B 87 19.05 -19.39 -17.08
C ASP B 87 18.38 -18.10 -17.56
N ARG B 88 17.07 -18.00 -17.35
CA ARG B 88 16.38 -16.79 -17.77
C ARG B 88 16.73 -15.63 -16.84
N PHE B 89 16.96 -15.92 -15.56
CA PHE B 89 17.44 -14.91 -14.60
C PHE B 89 18.76 -14.31 -15.10
N ILE B 90 19.65 -15.19 -15.57
CA ILE B 90 20.95 -14.79 -16.10
C ILE B 90 20.79 -13.98 -17.40
N PHE B 91 19.92 -14.47 -18.28
CA PHE B 91 19.63 -13.79 -19.54
C PHE B 91 19.13 -12.36 -19.35
N GLU B 92 18.38 -12.11 -18.28
CA GLU B 92 17.81 -10.79 -18.04
C GLU B 92 18.63 -9.95 -17.06
N ASP B 93 19.84 -10.42 -16.76
CA ASP B 93 20.72 -9.74 -15.82
C ASP B 93 20.12 -9.56 -14.42
N GLN B 94 19.27 -10.49 -14.00
CA GLN B 94 18.74 -10.46 -12.64
C GLN B 94 19.77 -10.99 -11.64
N ILE B 95 20.43 -12.08 -12.02
CA ILE B 95 21.52 -12.63 -11.23
C ILE B 95 22.75 -12.77 -12.13
N ARG B 96 23.93 -12.86 -11.52
CA ARG B 96 25.17 -13.05 -12.25
C ARG B 96 25.49 -14.54 -12.37
N PRO B 97 26.13 -14.94 -13.48
CA PRO B 97 26.42 -16.35 -13.72
C PRO B 97 27.16 -17.02 -12.56
N GLN B 98 27.88 -16.24 -11.78
CA GLN B 98 28.59 -16.76 -10.61
C GLN B 98 27.64 -17.16 -9.48
N ASP B 99 26.42 -16.60 -9.52
CA ASP B 99 25.41 -16.90 -8.52
C ASP B 99 24.62 -18.17 -8.84
N ARG B 100 24.72 -18.66 -10.07
CA ARG B 100 23.83 -19.73 -10.53
C ARG B 100 23.92 -21.03 -9.76
N GLU B 101 25.13 -21.44 -9.40
CA GLU B 101 25.30 -22.78 -8.87
C GLU B 101 24.81 -22.88 -7.43
N GLU B 102 25.00 -21.81 -6.67
CA GLU B 102 24.54 -21.80 -5.30
C GLU B 102 23.02 -21.63 -5.18
N LEU B 103 22.42 -20.89 -6.11
CA LEU B 103 20.97 -20.76 -6.13
C LEU B 103 20.33 -22.06 -6.58
N LEU B 104 20.95 -22.72 -7.54
CA LEU B 104 20.44 -24.01 -8.03
C LEU B 104 20.47 -25.04 -6.91
N ARG B 105 21.57 -25.02 -6.15
CA ARG B 105 21.71 -25.88 -4.99
C ARG B 105 20.57 -25.68 -4.02
N ALA B 106 20.26 -24.41 -3.74
CA ALA B 106 19.23 -24.09 -2.76
C ALA B 106 17.86 -24.50 -3.25
N LEU B 107 17.57 -24.27 -4.52
CA LEU B 107 16.28 -24.61 -5.10
C LEU B 107 16.07 -26.12 -5.16
N LEU B 108 17.16 -26.88 -5.07
CA LEU B 108 17.04 -28.34 -5.16
C LEU B 108 17.18 -28.98 -3.77
N LEU B 109 17.26 -28.15 -2.73
CA LEU B 109 17.23 -28.67 -1.36
C LEU B 109 15.90 -29.36 -1.11
N LYS B 110 15.85 -30.18 -0.06
CA LYS B 110 14.65 -30.92 0.31
C LYS B 110 13.52 -29.98 0.72
N HIS B 111 12.29 -30.39 0.45
CA HIS B 111 11.10 -29.64 0.86
C HIS B 111 10.34 -30.39 1.93
N SER B 112 10.33 -29.86 3.14
CA SER B 112 9.69 -30.53 4.27
C SER B 112 8.30 -29.95 4.53
N HIS B 113 7.52 -30.63 5.35
CA HIS B 113 6.15 -30.18 5.61
C HIS B 113 5.76 -30.30 7.08
N ALA B 114 4.51 -29.98 7.38
CA ALA B 114 4.03 -29.90 8.77
C ALA B 114 4.27 -31.19 9.54
N GLY B 115 4.05 -32.32 8.87
CA GLY B 115 4.19 -33.62 9.49
C GLY B 115 5.62 -33.91 9.96
N GLU B 116 6.58 -33.19 9.38
CA GLU B 116 7.99 -33.43 9.65
C GLU B 116 8.54 -32.42 10.65
N LEU B 117 7.69 -31.47 11.04
CA LEU B 117 8.18 -30.34 11.82
C LEU B 117 8.41 -30.66 13.30
N GLU B 118 7.55 -31.50 13.87
CA GLU B 118 7.71 -31.89 15.28
C GLU B 118 8.78 -32.96 15.46
N ALA B 119 9.28 -33.50 14.36
CA ALA B 119 10.36 -34.48 14.40
C ALA B 119 11.68 -33.78 14.11
N LEU B 120 11.60 -32.47 13.91
CA LEU B 120 12.78 -31.60 13.83
C LEU B 120 12.82 -30.76 15.10
N GLY B 121 13.86 -29.94 15.22
CA GLY B 121 14.09 -29.18 16.44
C GLY B 121 13.19 -28.07 16.99
N GLY B 122 12.56 -27.23 16.16
CA GLY B 122 12.41 -27.43 14.74
C GLY B 122 13.20 -26.53 13.81
N VAL B 123 12.54 -25.46 13.35
CA VAL B 123 13.02 -24.70 12.20
C VAL B 123 13.36 -23.24 12.51
N LYS B 124 14.49 -22.76 12.00
CA LYS B 124 14.89 -21.37 12.19
C LYS B 124 15.23 -20.68 10.86
N PRO B 125 15.00 -19.35 10.80
CA PRO B 125 15.23 -18.57 9.58
C PRO B 125 16.66 -18.65 9.09
N ALA B 126 16.86 -18.84 7.79
CA ALA B 126 18.21 -19.00 7.26
C ALA B 126 18.53 -18.07 6.10
N VAL B 127 19.82 -17.77 5.92
CA VAL B 127 20.30 -16.95 4.82
C VAL B 127 21.43 -17.71 4.12
N LEU B 128 21.49 -17.67 2.79
CA LEU B 128 22.60 -18.25 2.05
C LEU B 128 23.79 -17.29 2.03
N THR B 129 25.01 -17.82 2.19
CA THR B 129 26.22 -17.00 2.14
C THR B 129 27.26 -17.61 1.20
N ARG B 130 27.84 -18.73 1.59
CA ARG B 130 28.75 -19.47 0.74
C ARG B 130 28.02 -20.54 -0.07
N SER B 131 28.36 -21.81 0.15
CA SER B 131 27.75 -22.88 -0.62
C SER B 131 27.77 -24.24 0.08
N GLY B 132 26.68 -24.57 0.78
CA GLY B 132 25.58 -23.66 1.02
C GLY B 132 25.31 -23.65 2.51
N ASP B 133 25.95 -22.73 3.21
CA ASP B 133 25.94 -22.74 4.68
C ASP B 133 25.02 -21.69 5.28
N PRO B 134 24.58 -21.90 6.52
CA PRO B 134 23.54 -21.04 7.10
C PRO B 134 24.04 -19.75 7.72
N SER B 135 23.21 -18.71 7.60
CA SER B 135 23.39 -17.50 8.37
C SER B 135 21.97 -16.99 8.63
N GLN B 136 21.80 -16.07 9.58
CA GLN B 136 20.49 -15.46 9.77
C GLN B 136 20.52 -13.97 10.12
N PRO B 137 21.47 -13.21 9.54
CA PRO B 137 21.65 -11.83 10.00
C PRO B 137 20.45 -10.93 9.69
N PRO B 140 13.53 -10.32 10.03
CA PRO B 140 13.54 -8.97 10.61
C PRO B 140 12.62 -8.87 11.83
N GLN B 141 11.58 -9.68 11.83
CA GLN B 141 10.65 -9.77 12.96
C GLN B 141 10.66 -11.21 13.40
N HIS B 142 11.22 -11.47 14.57
CA HIS B 142 11.59 -12.82 14.98
C HIS B 142 10.40 -13.76 15.01
N SER B 143 9.26 -13.31 15.54
CA SER B 143 8.05 -14.08 15.35
C SER B 143 7.05 -13.31 14.51
N SER B 144 6.59 -13.93 13.43
CA SER B 144 5.72 -13.27 12.45
C SER B 144 4.41 -12.86 13.11
N LEU B 145 3.80 -11.79 12.61
CA LEU B 145 2.53 -11.32 13.16
C LEU B 145 1.43 -12.37 13.06
N GLU B 146 1.37 -13.09 11.94
CA GLU B 146 0.34 -14.11 11.74
C GLU B 146 0.52 -15.26 12.71
N THR B 147 1.79 -15.56 13.01
CA THR B 147 2.13 -16.64 13.93
C THR B 147 1.72 -16.28 15.35
N GLN B 148 2.04 -15.06 15.78
CA GLN B 148 1.67 -14.60 17.11
C GLN B 148 0.16 -14.57 17.30
N LEU B 149 -0.56 -14.11 16.26
CA LEU B 149 -1.99 -13.87 16.39
C LEU B 149 -2.88 -15.09 16.13
N PHE B 150 -2.41 -16.03 15.31
CA PHE B 150 -3.27 -17.14 14.91
C PHE B 150 -2.74 -18.50 15.34
N CYS B 151 -1.48 -18.55 15.75
CA CYS B 151 -0.89 -19.78 16.29
C CYS B 151 -0.67 -19.56 17.79
N GLU B 152 0.37 -18.80 18.12
CA GLU B 152 0.63 -18.33 19.48
C GLU B 152 1.95 -17.55 19.53
N LYS B 169 -11.08 -28.51 1.35
CA LYS B 169 -11.94 -27.72 0.49
C LYS B 169 -11.41 -27.73 -0.92
N ILE B 170 -10.54 -28.69 -1.23
CA ILE B 170 -9.97 -28.71 -2.57
C ILE B 170 -10.41 -29.91 -3.40
N PRO B 171 -11.16 -29.56 -4.52
CA PRO B 171 -11.51 -30.71 -5.37
C PRO B 171 -10.43 -31.16 -6.33
N PRO B 172 -10.81 -32.07 -7.33
CA PRO B 172 -9.74 -32.38 -8.27
C PRO B 172 -9.62 -31.37 -9.40
N ASP B 173 -8.37 -30.90 -9.54
CA ASP B 173 -7.92 -29.94 -10.58
C ASP B 173 -8.60 -28.56 -10.72
N SER B 174 -8.64 -27.73 -9.67
CA SER B 174 -7.78 -27.83 -8.47
C SER B 174 -6.24 -27.82 -8.64
N GLU B 175 -5.67 -26.90 -9.43
CA GLU B 175 -4.23 -26.92 -9.59
C GLU B 175 -3.56 -26.08 -8.50
N ALA B 176 -2.27 -26.33 -8.26
CA ALA B 176 -1.61 -25.69 -7.13
C ALA B 176 -0.66 -24.58 -7.56
N THR B 177 -0.40 -23.66 -6.64
CA THR B 177 0.63 -22.65 -6.81
C THR B 177 1.66 -22.82 -5.71
N LEU B 178 2.92 -22.89 -6.09
CA LEU B 178 3.98 -23.03 -5.12
C LEU B 178 4.77 -21.74 -5.02
N VAL B 179 4.81 -21.14 -3.84
CA VAL B 179 5.53 -19.90 -3.64
C VAL B 179 6.75 -20.16 -2.78
N LEU B 180 7.93 -19.89 -3.32
CA LEU B 180 9.18 -20.13 -2.61
C LEU B 180 9.86 -18.81 -2.32
N VAL B 181 10.20 -18.63 -1.06
CA VAL B 181 10.82 -17.43 -0.56
C VAL B 181 12.13 -17.77 0.13
N GLY B 182 13.21 -17.10 -0.27
CA GLY B 182 14.52 -17.38 0.30
C GLY B 182 15.42 -16.17 0.34
N ARG B 183 16.21 -16.06 1.40
CA ARG B 183 17.16 -14.96 1.54
C ARG B 183 18.56 -15.41 1.12
N ALA B 184 19.25 -14.55 0.38
CA ALA B 184 20.62 -14.81 -0.04
C ALA B 184 21.38 -13.51 -0.10
N ASP B 185 22.44 -13.39 0.69
CA ASP B 185 23.11 -12.11 0.88
C ASP B 185 24.07 -11.75 -0.26
N PHE B 186 24.39 -12.73 -1.10
CA PHE B 186 25.31 -12.50 -2.20
C PHE B 186 24.59 -11.97 -3.43
N LEU B 187 23.26 -11.93 -3.36
CA LEU B 187 22.47 -11.33 -4.42
C LEU B 187 22.49 -9.81 -4.27
N GLU B 188 22.59 -9.11 -5.39
CA GLU B 188 22.68 -7.66 -5.37
C GLU B 188 21.31 -7.03 -5.19
N GLN B 189 20.27 -7.77 -5.57
CA GLN B 189 18.90 -7.27 -5.53
C GLN B 189 17.89 -8.40 -5.42
N PRO B 190 16.72 -8.14 -4.82
CA PRO B 190 15.67 -9.15 -4.76
C PRO B 190 15.10 -9.40 -6.16
N VAL B 191 14.90 -10.67 -6.50
CA VAL B 191 14.38 -11.04 -7.80
C VAL B 191 13.10 -11.85 -7.69
N LEU B 192 12.25 -11.71 -8.70
CA LEU B 192 11.03 -12.52 -8.78
C LEU B 192 11.04 -13.33 -10.06
N GLY B 193 10.80 -14.63 -9.91
CA GLY B 193 10.53 -15.48 -11.05
C GLY B 193 9.10 -15.94 -10.97
N PHE B 194 8.41 -15.91 -12.10
CA PHE B 194 7.05 -16.39 -12.19
C PHE B 194 6.98 -17.45 -13.28
N VAL B 195 6.46 -18.63 -12.93
CA VAL B 195 6.40 -19.73 -13.87
C VAL B 195 4.97 -20.27 -13.98
N ARG B 196 4.47 -20.33 -15.21
CA ARG B 196 3.26 -21.10 -15.49
C ARG B 196 3.66 -22.30 -16.36
N LEU B 197 3.46 -23.51 -15.82
CA LEU B 197 3.81 -24.72 -16.56
C LEU B 197 2.85 -24.97 -17.71
N GLN B 198 3.35 -25.55 -18.78
CA GLN B 198 2.54 -25.93 -19.93
C GLN B 198 1.46 -26.91 -19.48
N GLU B 199 1.89 -27.95 -18.78
CA GLU B 199 0.96 -28.92 -18.21
C GLU B 199 1.19 -29.03 -16.70
N ALA B 200 0.10 -29.03 -15.94
CA ALA B 200 0.19 -29.19 -14.50
C ALA B 200 0.89 -30.51 -14.16
N ALA B 201 1.72 -30.49 -13.12
CA ALA B 201 2.55 -31.64 -12.80
C ALA B 201 2.74 -31.75 -11.31
N GLU B 202 2.69 -32.96 -10.77
CA GLU B 202 3.01 -33.17 -9.36
C GLU B 202 4.52 -33.11 -9.16
N LEU B 203 4.93 -32.37 -8.14
CA LEU B 203 6.34 -32.22 -7.82
C LEU B 203 6.59 -32.73 -6.41
N GLU B 204 7.83 -33.12 -6.13
CA GLU B 204 8.20 -33.63 -4.80
C GLU B 204 8.01 -32.53 -3.74
N ALA B 205 7.97 -31.29 -4.21
CA ALA B 205 7.88 -30.12 -3.33
C ALA B 205 6.57 -30.09 -2.53
N VAL B 206 5.47 -30.43 -3.18
CA VAL B 206 4.16 -30.34 -2.53
C VAL B 206 3.66 -31.72 -2.15
N GLU B 207 3.24 -31.87 -0.89
CA GLU B 207 2.85 -33.17 -0.36
C GLU B 207 1.48 -33.59 -0.88
N LEU B 208 0.56 -32.63 -0.92
CA LEU B 208 -0.78 -32.91 -1.45
C LEU B 208 -0.71 -33.37 -2.89
N PRO B 209 -1.43 -34.45 -3.21
CA PRO B 209 -1.52 -34.92 -4.60
C PRO B 209 -2.28 -33.92 -5.47
N VAL B 210 -1.77 -32.70 -5.54
CA VAL B 210 -2.38 -31.64 -6.32
C VAL B 210 -1.35 -31.13 -7.31
N PRO B 211 -1.66 -31.25 -8.60
CA PRO B 211 -0.71 -30.85 -9.65
C PRO B 211 -0.40 -29.35 -9.61
N ILE B 212 0.88 -29.03 -9.69
CA ILE B 212 1.34 -27.65 -9.64
C ILE B 212 1.30 -26.99 -11.01
N ARG B 213 0.64 -25.84 -11.10
CA ARG B 213 0.57 -25.07 -12.33
C ARG B 213 1.50 -23.86 -12.30
N PHE B 214 1.54 -23.20 -11.15
CA PHE B 214 2.32 -21.98 -11.02
C PHE B 214 3.45 -22.09 -10.02
N LEU B 215 4.57 -21.45 -10.31
CA LEU B 215 5.63 -21.30 -9.32
C LEU B 215 6.00 -19.84 -9.19
N PHE B 216 6.10 -19.39 -7.94
CA PHE B 216 6.64 -18.10 -7.58
C PHE B 216 7.98 -18.29 -6.89
N VAL B 217 9.01 -17.64 -7.40
CA VAL B 217 10.31 -17.70 -6.76
C VAL B 217 10.76 -16.29 -6.38
N LEU B 218 10.80 -16.04 -5.12
CA LEU B 218 11.35 -14.79 -4.55
CA LEU B 218 11.44 -14.85 -4.63
C LEU B 218 12.72 -14.89 -3.62
N LEU B 219 13.72 -14.38 -4.35
CA LEU B 219 15.04 -14.52 -3.75
C LEU B 219 15.63 -13.14 -3.58
N GLY B 220 16.36 -12.93 -2.50
CA GLY B 220 17.06 -11.68 -2.36
C GLY B 220 17.80 -11.49 -1.06
N PRO B 221 18.55 -10.38 -0.97
CA PRO B 221 19.31 -10.00 0.21
C PRO B 221 18.42 -9.25 1.18
N GLU B 222 18.95 -9.01 2.38
CA GLU B 222 18.25 -8.22 3.36
C GLU B 222 18.21 -6.77 2.90
N ALA B 223 17.03 -6.16 3.02
CA ALA B 223 16.83 -4.78 2.57
C ALA B 223 15.72 -4.13 3.40
N PRO B 224 15.76 -2.80 3.54
CA PRO B 224 14.68 -2.12 4.27
C PRO B 224 13.29 -2.29 3.63
N HIS B 225 12.29 -2.55 4.48
CA HIS B 225 10.90 -2.71 4.06
C HIS B 225 10.68 -3.95 3.22
N ILE B 226 11.65 -4.86 3.25
CA ILE B 226 11.45 -6.16 2.62
C ILE B 226 11.46 -7.25 3.67
N ASP B 227 10.26 -7.66 4.05
CA ASP B 227 10.06 -8.85 4.86
C ASP B 227 9.67 -9.95 3.88
N TYR B 228 10.56 -10.92 3.69
CA TYR B 228 10.38 -11.90 2.63
C TYR B 228 9.21 -12.84 2.88
N THR B 229 8.91 -13.08 4.16
CA THR B 229 7.74 -13.86 4.50
C THR B 229 6.46 -13.14 4.06
N GLN B 230 6.40 -11.83 4.32
CA GLN B 230 5.23 -11.04 3.93
C GLN B 230 5.13 -10.86 2.42
N LEU B 231 6.29 -10.75 1.77
CA LEU B 231 6.36 -10.72 0.33
C LEU B 231 5.78 -12.01 -0.23
N GLY B 232 6.14 -13.13 0.39
CA GLY B 232 5.55 -14.42 0.03
C GLY B 232 4.04 -14.50 0.25
N ARG B 233 3.58 -13.96 1.37
CA ARG B 233 2.15 -13.92 1.67
C ARG B 233 1.39 -13.11 0.63
N ALA B 234 2.00 -12.01 0.17
CA ALA B 234 1.32 -11.18 -0.82
C ALA B 234 1.23 -11.87 -2.17
N ALA B 235 2.30 -12.56 -2.56
CA ALA B 235 2.30 -13.30 -3.82
C ALA B 235 1.27 -14.42 -3.79
N ALA B 236 1.22 -15.11 -2.65
CA ALA B 236 0.29 -16.22 -2.48
C ALA B 236 -1.15 -15.72 -2.44
N THR B 237 -1.38 -14.63 -1.73
CA THR B 237 -2.72 -14.07 -1.60
C THR B 237 -3.18 -13.61 -2.97
N LEU B 238 -2.25 -13.10 -3.75
CA LEU B 238 -2.55 -12.63 -5.10
C LEU B 238 -3.03 -13.79 -5.97
N MET B 239 -2.36 -14.93 -5.86
CA MET B 239 -2.72 -16.10 -6.66
C MET B 239 -3.98 -16.77 -6.14
N SER B 240 -4.34 -16.50 -4.89
CA SER B 240 -5.56 -17.06 -4.31
C SER B 240 -6.79 -16.23 -4.68
N GLU B 241 -6.57 -15.03 -5.22
CA GLU B 241 -7.68 -14.18 -5.61
C GLU B 241 -8.09 -14.54 -7.03
N ARG B 242 -9.38 -14.74 -7.24
CA ARG B 242 -9.88 -15.41 -8.44
C ARG B 242 -9.58 -14.67 -9.74
N VAL B 243 -9.75 -13.36 -9.74
CA VAL B 243 -9.56 -12.59 -10.97
C VAL B 243 -8.09 -12.55 -11.40
N PHE B 244 -7.17 -12.38 -10.46
CA PHE B 244 -5.75 -12.39 -10.84
C PHE B 244 -5.33 -13.79 -11.26
N ARG B 245 -5.89 -14.81 -10.61
CA ARG B 245 -5.54 -16.17 -10.96
C ARG B 245 -5.98 -16.47 -12.39
N ILE B 246 -7.17 -16.02 -12.74
CA ILE B 246 -7.66 -16.18 -14.11
C ILE B 246 -6.72 -15.48 -15.09
N ASP B 247 -6.41 -14.22 -14.81
CA ASP B 247 -5.50 -13.44 -15.65
C ASP B 247 -4.12 -14.10 -15.74
N ALA B 248 -3.75 -14.84 -14.70
CA ALA B 248 -2.46 -15.53 -14.69
C ALA B 248 -2.49 -16.74 -15.60
N TYR B 249 -3.69 -17.29 -15.83
CA TYR B 249 -3.84 -18.38 -16.79
C TYR B 249 -3.82 -17.85 -18.22
N MET B 250 -4.32 -16.63 -18.40
CA MET B 250 -4.48 -16.06 -19.74
C MET B 250 -3.24 -15.27 -20.19
N ALA B 251 -2.43 -14.85 -19.23
CA ALA B 251 -1.32 -13.95 -19.52
C ALA B 251 -0.35 -14.54 -20.52
N GLN B 252 0.07 -13.71 -21.48
CA GLN B 252 1.04 -14.12 -22.48
C GLN B 252 2.29 -13.25 -22.42
N SER B 253 2.32 -12.34 -21.45
CA SER B 253 3.49 -11.50 -21.22
C SER B 253 3.56 -11.04 -19.77
N ARG B 254 4.70 -10.48 -19.40
CA ARG B 254 4.85 -9.87 -18.08
C ARG B 254 3.91 -8.67 -17.97
N GLY B 255 3.79 -7.92 -19.06
CA GLY B 255 2.95 -6.74 -19.11
C GLY B 255 1.53 -7.00 -18.68
N GLU B 256 1.00 -8.16 -19.07
CA GLU B 256 -0.38 -8.53 -18.75
C GLU B 256 -0.50 -8.95 -17.29
N LEU B 257 0.56 -9.56 -16.75
CA LEU B 257 0.56 -9.90 -15.32
C LEU B 257 0.59 -8.63 -14.49
N LEU B 258 1.35 -7.64 -14.93
CA LEU B 258 1.46 -6.39 -14.20
C LEU B 258 0.17 -5.58 -14.23
N HIS B 259 -0.45 -5.52 -15.40
CA HIS B 259 -1.73 -4.85 -15.54
C HIS B 259 -2.76 -5.48 -14.61
N SER B 260 -2.70 -6.79 -14.47
CA SER B 260 -3.61 -7.47 -13.55
C SER B 260 -3.28 -7.16 -12.10
N LEU B 261 -1.98 -7.06 -11.78
CA LEU B 261 -1.58 -6.72 -10.42
C LEU B 261 -2.07 -5.32 -10.07
N GLU B 262 -2.00 -4.42 -11.04
CA GLU B 262 -2.47 -3.05 -10.85
C GLU B 262 -3.97 -2.99 -10.58
N GLY B 263 -4.73 -3.84 -11.25
CA GLY B 263 -6.17 -3.92 -10.99
C GLY B 263 -6.47 -4.43 -9.59
N PHE B 264 -5.69 -5.41 -9.15
CA PHE B 264 -5.76 -5.96 -7.79
C PHE B 264 -5.51 -4.84 -6.78
N LEU B 265 -4.50 -4.01 -7.07
CA LEU B 265 -4.20 -2.89 -6.20
C LEU B 265 -5.26 -1.79 -6.29
N ASP B 266 -5.83 -1.59 -7.48
CA ASP B 266 -6.90 -0.62 -7.68
C ASP B 266 -8.05 -0.91 -6.73
N CYS B 267 -8.26 -2.19 -6.44
CA CYS B 267 -9.39 -2.62 -5.64
C CYS B 267 -8.96 -3.07 -4.25
N SER B 268 -7.76 -2.68 -3.85
CA SER B 268 -7.31 -2.94 -2.49
C SER B 268 -7.65 -1.74 -1.62
N LEU B 269 -8.07 -2.05 -0.39
CA LEU B 269 -8.49 -1.03 0.56
C LEU B 269 -7.47 -0.94 1.69
N VAL B 270 -7.07 0.27 2.07
CA VAL B 270 -6.13 0.40 3.17
C VAL B 270 -6.77 0.96 4.44
N LEU B 271 -6.64 0.23 5.54
CA LEU B 271 -7.12 0.70 6.84
C LEU B 271 -5.93 1.23 7.65
N PRO B 272 -5.86 2.56 7.79
CA PRO B 272 -4.76 3.15 8.57
C PRO B 272 -4.94 2.86 10.05
N PRO B 273 -3.89 3.02 10.85
CA PRO B 273 -4.13 2.76 12.27
C PRO B 273 -5.19 3.70 12.81
N THR B 274 -6.30 3.13 13.29
CA THR B 274 -7.41 3.93 13.80
C THR B 274 -7.86 3.48 15.19
N ASP B 275 -8.00 4.44 16.09
CA ASP B 275 -8.42 4.19 17.46
C ASP B 275 -9.95 4.00 17.55
N ALA B 276 -10.44 2.84 17.13
CA ALA B 276 -11.88 2.61 17.05
C ALA B 276 -12.26 1.23 17.57
N PRO B 277 -13.57 1.00 17.83
CA PRO B 277 -13.97 -0.37 18.17
C PRO B 277 -13.64 -1.29 17.00
N SER B 278 -12.85 -2.32 17.29
CA SER B 278 -12.25 -3.16 16.26
C SER B 278 -13.22 -3.81 15.28
N GLU B 279 -14.34 -4.32 15.78
CA GLU B 279 -15.30 -5.00 14.91
C GLU B 279 -16.12 -4.00 14.09
N GLN B 280 -16.34 -2.84 14.66
CA GLN B 280 -16.84 -1.72 13.88
CA GLN B 280 -16.87 -1.75 13.84
C GLN B 280 -16.04 -1.03 12.66
N ALA B 281 -14.77 -0.99 13.06
CA ALA B 281 -13.81 -0.48 12.09
C ALA B 281 -13.67 -1.40 10.89
N LEU B 282 -13.55 -2.70 11.15
CA LEU B 282 -13.41 -3.68 10.09
C LEU B 282 -14.70 -3.81 9.27
N LEU B 283 -15.84 -3.64 9.94
CA LEU B 283 -17.14 -3.74 9.28
C LEU B 283 -17.49 -2.46 8.53
N SER B 284 -16.77 -1.38 8.81
CA SER B 284 -16.90 -0.15 8.03
C SER B 284 -16.34 -0.36 6.62
N LEU B 285 -15.54 -1.41 6.45
CA LEU B 285 -14.85 -1.66 5.20
C LEU B 285 -15.73 -2.37 4.17
N VAL B 286 -16.90 -2.86 4.61
CA VAL B 286 -17.77 -3.64 3.74
C VAL B 286 -18.47 -2.84 2.62
N PRO B 287 -19.18 -1.75 2.96
CA PRO B 287 -19.83 -1.06 1.83
C PRO B 287 -18.84 -0.33 0.94
N VAL B 288 -17.67 -0.02 1.45
CA VAL B 288 -16.63 0.59 0.63
C VAL B 288 -16.10 -0.47 -0.31
N GLN B 289 -15.72 -1.61 0.25
CA GLN B 289 -15.20 -2.73 -0.53
C GLN B 289 -16.21 -3.22 -1.56
N ARG B 290 -17.46 -3.38 -1.13
CA ARG B 290 -18.51 -3.87 -2.01
C ARG B 290 -18.65 -3.00 -3.25
N GLU B 291 -18.49 -1.69 -3.06
CA GLU B 291 -18.51 -0.77 -4.18
C GLU B 291 -17.23 -0.82 -4.99
N LEU B 292 -16.11 -1.20 -4.35
CA LEU B 292 -14.84 -1.32 -5.06
C LEU B 292 -14.88 -2.45 -6.07
N LEU B 293 -15.46 -3.57 -5.67
CA LEU B 293 -15.55 -4.74 -6.53
C LEU B 293 -16.69 -4.70 -7.55
N ARG B 294 -16.60 -3.78 -8.50
CA ARG B 294 -17.10 -4.02 -9.85
C ARG B 294 -16.65 -3.05 -10.93
N ARG B 295 -16.58 -3.43 -12.20
CA ARG B 295 -17.09 -4.68 -12.67
C ARG B 295 -15.98 -5.59 -12.30
N ARG B 296 -16.18 -6.22 -11.16
CA ARG B 296 -15.23 -7.04 -10.43
C ARG B 296 -14.06 -6.17 -10.27
N TYR B 297 -12.97 -6.74 -9.81
CA TYR B 297 -11.75 -5.99 -9.73
C TYR B 297 -11.27 -5.52 -11.12
N GLN B 298 -10.29 -4.63 -11.07
CA GLN B 298 -9.42 -4.26 -12.16
C GLN B 298 -9.29 -2.74 -12.26
#